data_3MVU
#
_entry.id   3MVU
#
_cell.length_a   65.315
_cell.length_b   65.315
_cell.length_c   107.079
_cell.angle_alpha   90.000
_cell.angle_beta   90.000
_cell.angle_gamma   90.000
#
_symmetry.space_group_name_H-M   'P 42 21 2'
#
loop_
_entity.id
_entity.type
_entity.pdbx_description
1 polymer 'TenA family transcriptional regulator'
2 non-polymer IMIDAZOLE
3 non-polymer 1,2-ETHANEDIOL
4 non-polymer 'CHLORIDE ION'
5 water water
#
_entity_poly.entity_id   1
_entity_poly.type   'polypeptide(L)'
_entity_poly.pdbx_seq_one_letter_code
;G(MSE)SEPYGKAFSL(MSE)RAEAEPAWRAYTHHAFVEGLKAGTLPREAFLHYLQQDYVFLIHFSRAWALAVVKSETHS
E(MSE)LAAVGTVNALVAEE(MSE)QLHIGICEASGISQEALFATRERAENLAYTRFVLEAGYSGDLLDLLAALAPCV
(MSE)GYGEIGKRLTAEATSTLYGDWIDTYGGDDYQAACKAVGTLLDDALERRLGAEFTSSPRWSRLCQTFHTATELEVG
FWQ(MSE)GLTP
;
_entity_poly.pdbx_strand_id   A
#
# COMPACT_ATOMS: atom_id res chain seq x y z
N SER A 3 -12.44 15.97 -0.32
CA SER A 3 -12.76 15.05 -1.41
C SER A 3 -11.62 14.13 -1.81
N GLU A 4 -10.49 14.77 -2.14
CA GLU A 4 -9.34 14.12 -2.74
C GLU A 4 -8.07 14.39 -1.90
N PRO A 5 -7.97 13.64 -0.80
CA PRO A 5 -7.06 14.03 0.27
C PRO A 5 -5.59 13.66 0.03
N TYR A 6 -5.27 12.92 -1.03
CA TYR A 6 -3.89 12.43 -1.22
C TYR A 6 -3.21 12.97 -2.46
N GLY A 7 -3.64 14.17 -2.90
CA GLY A 7 -2.98 14.83 -4.01
C GLY A 7 -3.60 14.58 -5.38
N LYS A 8 -3.11 15.35 -6.36
CA LYS A 8 -3.73 15.39 -7.67
C LYS A 8 -3.45 14.11 -8.42
N ALA A 9 -2.17 13.66 -8.41
CA ALA A 9 -1.84 12.52 -9.22
C ALA A 9 -2.59 11.27 -8.80
N PHE A 10 -2.70 11.06 -7.48
CA PHE A 10 -3.38 9.89 -6.98
C PHE A 10 -4.84 9.93 -7.41
N SER A 11 -5.48 11.10 -7.32
CA SER A 11 -6.91 11.23 -7.66
C SER A 11 -7.13 10.85 -9.13
N LEU A 12 -6.22 11.29 -9.99
CA LEU A 12 -6.29 11.00 -11.42
C LEU A 12 -6.02 9.50 -11.67
N ARG A 14 -6.43 6.92 -9.60
CA ARG A 14 -7.55 6.22 -8.97
CA ARG A 14 -7.53 6.19 -8.99
C ARG A 14 -8.70 6.15 -9.96
N ALA A 15 -9.01 7.28 -10.59
CA ALA A 15 -10.12 7.38 -11.53
C ALA A 15 -9.87 6.51 -12.77
N GLU A 16 -8.63 6.40 -13.22
CA GLU A 16 -8.31 5.54 -14.36
C GLU A 16 -8.25 4.04 -14.00
N ALA A 17 -8.23 3.73 -12.71
CA ALA A 17 -8.11 2.35 -12.26
C ALA A 17 -9.40 1.68 -11.89
N GLU A 18 -10.53 2.36 -12.07
CA GLU A 18 -11.82 1.76 -11.82
C GLU A 18 -12.17 0.84 -12.96
N PRO A 19 -12.93 -0.23 -12.69
CA PRO A 19 -13.56 -0.62 -11.41
C PRO A 19 -12.67 -1.44 -10.47
N ALA A 20 -11.41 -1.72 -10.83
CA ALA A 20 -10.52 -2.48 -9.95
C ALA A 20 -10.35 -1.77 -8.60
N TRP A 21 -10.23 -0.45 -8.63
CA TRP A 21 -10.06 0.32 -7.39
C TRP A 21 -11.17 0.03 -6.39
N ARG A 22 -12.42 0.07 -6.83
CA ARG A 22 -13.53 -0.30 -5.97
C ARG A 22 -13.50 -1.76 -5.51
N ALA A 23 -13.11 -2.65 -6.41
CA ALA A 23 -12.98 -4.07 -6.06
C ALA A 23 -11.94 -4.29 -4.98
N TYR A 24 -10.92 -3.43 -4.97
CA TYR A 24 -9.88 -3.42 -3.96
C TYR A 24 -10.39 -2.82 -2.62
N THR A 25 -10.85 -1.57 -2.65
CA THR A 25 -11.19 -0.85 -1.41
C THR A 25 -12.53 -1.26 -0.77
N HIS A 26 -13.38 -1.95 -1.53
CA HIS A 26 -14.65 -2.47 -1.05
C HIS A 26 -14.70 -4.00 -1.16
N HIS A 27 -13.52 -4.62 -1.13
CA HIS A 27 -13.39 -6.08 -1.18
C HIS A 27 -14.13 -6.77 -0.03
N ALA A 28 -14.57 -8.01 -0.26
CA ALA A 28 -15.16 -8.80 0.80
C ALA A 28 -14.30 -8.87 2.05
N PHE A 29 -12.98 -8.98 1.92
CA PHE A 29 -12.10 -9.01 3.11
C PHE A 29 -12.26 -7.72 3.93
N VAL A 30 -12.30 -6.61 3.22
CA VAL A 30 -12.46 -5.30 3.87
C VAL A 30 -13.83 -5.20 4.56
N GLU A 31 -14.87 -5.71 3.92
CA GLU A 31 -16.19 -5.71 4.54
C GLU A 31 -16.24 -6.56 5.80
N GLY A 32 -15.51 -7.67 5.79
CA GLY A 32 -15.30 -8.49 6.99
C GLY A 32 -14.62 -7.77 8.13
N LEU A 33 -13.59 -6.99 7.81
CA LEU A 33 -12.93 -6.13 8.81
C LEU A 33 -13.94 -5.12 9.36
N LYS A 34 -14.71 -4.51 8.48
CA LYS A 34 -15.67 -3.45 8.86
C LYS A 34 -16.74 -3.93 9.85
N ALA A 35 -17.35 -5.07 9.53
CA ALA A 35 -18.42 -5.65 10.27
C ALA A 35 -17.93 -6.59 11.39
N GLY A 36 -16.64 -6.79 11.51
CA GLY A 36 -16.08 -7.77 12.43
C GLY A 36 -16.49 -9.22 12.15
N THR A 37 -16.83 -9.52 10.91
CA THR A 37 -17.28 -10.87 10.52
C THR A 37 -16.19 -11.71 9.84
N LEU A 38 -15.06 -11.09 9.48
CA LEU A 38 -13.93 -11.82 8.93
C LEU A 38 -13.47 -12.90 9.93
N PRO A 39 -13.31 -14.16 9.48
CA PRO A 39 -12.89 -15.18 10.46
C PRO A 39 -11.45 -14.95 10.97
N ARG A 40 -11.23 -15.27 12.24
CA ARG A 40 -9.93 -15.11 12.90
CA ARG A 40 -9.92 -15.03 12.85
C ARG A 40 -8.82 -15.78 12.11
N GLU A 41 -9.10 -17.00 11.65
CA GLU A 41 -8.09 -17.74 10.88
C GLU A 41 -7.61 -16.98 9.64
N ALA A 42 -8.55 -16.35 8.94
CA ALA A 42 -8.25 -15.56 7.76
C ALA A 42 -7.45 -14.32 8.18
N PHE A 43 -7.84 -13.66 9.26
CA PHE A 43 -7.10 -12.48 9.70
C PHE A 43 -5.65 -12.85 10.07
N LEU A 44 -5.46 -13.93 10.81
CA LEU A 44 -4.11 -14.32 11.22
C LEU A 44 -3.23 -14.73 10.05
N HIS A 45 -3.80 -15.44 9.10
CA HIS A 45 -3.09 -15.77 7.87
C HIS A 45 -2.68 -14.49 7.16
N TYR A 46 -3.60 -13.55 7.05
CA TYR A 46 -3.29 -12.28 6.44
C TYR A 46 -2.16 -11.56 7.16
N LEU A 47 -2.17 -11.57 8.49
CA LEU A 47 -1.13 -10.91 9.26
C LEU A 47 0.26 -11.46 8.97
N GLN A 48 0.38 -12.79 8.96
CA GLN A 48 1.64 -13.46 8.70
C GLN A 48 2.16 -13.14 7.29
N GLN A 49 1.28 -13.23 6.30
CA GLN A 49 1.67 -12.89 4.94
C GLN A 49 2.02 -11.38 4.87
N ASP A 50 1.27 -10.54 5.59
CA ASP A 50 1.54 -9.10 5.54
C ASP A 50 2.93 -8.80 6.16
N TYR A 51 3.40 -9.64 7.09
CA TYR A 51 4.74 -9.48 7.68
C TYR A 51 5.82 -9.64 6.60
N VAL A 52 5.68 -10.65 5.74
CA VAL A 52 6.58 -10.85 4.63
C VAL A 52 6.41 -9.70 3.62
N PHE A 53 5.17 -9.31 3.35
CA PHE A 53 4.89 -8.26 2.39
C PHE A 53 5.64 -7.01 2.82
N LEU A 54 5.58 -6.69 4.10
CA LEU A 54 6.25 -5.49 4.65
C LEU A 54 7.75 -5.44 4.52
N ILE A 55 8.38 -6.59 4.60
CA ILE A 55 9.79 -6.72 4.35
C ILE A 55 10.08 -6.20 2.95
N HIS A 56 9.39 -6.75 1.96
CA HIS A 56 9.70 -6.40 0.59
C HIS A 56 9.21 -4.99 0.23
N PHE A 57 8.10 -4.58 0.82
CA PHE A 57 7.57 -3.24 0.58
C PHE A 57 8.54 -2.20 1.17
N SER A 58 9.13 -2.48 2.31
CA SER A 58 10.18 -1.65 2.91
C SER A 58 11.39 -1.53 1.98
N ARG A 59 11.79 -2.67 1.41
CA ARG A 59 12.89 -2.63 0.41
C ARG A 59 12.54 -1.76 -0.80
N ALA A 60 11.28 -1.80 -1.24
CA ALA A 60 10.85 -1.00 -2.35
C ALA A 60 10.89 0.47 -2.02
N TRP A 61 10.52 0.84 -0.80
CA TRP A 61 10.66 2.24 -0.37
C TRP A 61 12.12 2.67 -0.23
N ALA A 62 13.01 1.75 0.16
CA ALA A 62 14.45 2.05 0.16
C ALA A 62 14.93 2.27 -1.32
N LEU A 63 14.40 1.47 -2.23
CA LEU A 63 14.68 1.69 -3.67
C LEU A 63 14.25 3.08 -4.16
N ALA A 64 13.17 3.59 -3.62
CA ALA A 64 12.72 4.96 -3.92
C ALA A 64 13.75 5.99 -3.52
N VAL A 65 14.42 5.79 -2.38
CA VAL A 65 15.57 6.63 -2.04
C VAL A 65 16.65 6.60 -3.14
N VAL A 66 17.02 5.39 -3.55
CA VAL A 66 18.07 5.19 -4.55
C VAL A 66 17.68 5.92 -5.86
N LYS A 67 16.39 5.87 -6.19
CA LYS A 67 15.91 6.43 -7.46
CA LYS A 67 15.85 6.42 -7.45
C LYS A 67 15.56 7.92 -7.36
N SER A 68 15.73 8.51 -6.17
CA SER A 68 15.46 9.94 -6.00
C SER A 68 16.50 10.83 -6.65
N GLU A 69 16.06 11.98 -7.14
CA GLU A 69 16.95 12.96 -7.77
C GLU A 69 17.24 14.20 -6.91
N THR A 70 16.34 14.53 -6.02
CA THR A 70 16.46 15.75 -5.19
C THR A 70 16.54 15.33 -3.73
N HIS A 71 17.11 16.20 -2.88
CA HIS A 71 17.21 15.89 -1.45
C HIS A 71 15.82 15.71 -0.89
N SER A 72 14.89 16.50 -1.41
CA SER A 72 13.50 16.44 -1.00
C SER A 72 12.82 15.09 -1.25
N GLU A 73 13.00 14.57 -2.45
CA GLU A 73 12.51 13.24 -2.80
C GLU A 73 13.11 12.20 -1.86
N LEU A 75 14.44 12.52 1.16
CA LEU A 75 13.93 12.66 2.54
C LEU A 75 12.52 12.14 2.72
N ALA A 76 11.67 12.37 1.73
CA ALA A 76 10.32 11.84 1.80
C ALA A 76 10.36 10.30 1.80
N ALA A 77 11.15 9.72 0.90
CA ALA A 77 11.29 8.28 0.85
C ALA A 77 11.93 7.72 2.13
N VAL A 78 12.97 8.39 2.64
CA VAL A 78 13.64 7.95 3.87
C VAL A 78 12.64 7.95 5.02
N GLY A 79 11.85 9.02 5.09
CA GLY A 79 10.75 9.14 6.04
C GLY A 79 9.83 7.93 6.02
N THR A 80 9.40 7.51 4.82
CA THR A 80 8.54 6.33 4.66
C THR A 80 9.25 5.03 5.02
N VAL A 81 10.52 4.85 4.64
CA VAL A 81 11.24 3.66 5.06
C VAL A 81 11.24 3.53 6.60
N ASN A 82 11.42 4.64 7.31
CA ASN A 82 11.34 4.65 8.81
C ASN A 82 9.94 4.38 9.35
N ALA A 83 8.96 5.06 8.77
CA ALA A 83 7.57 4.75 9.05
C ALA A 83 7.24 3.25 8.89
N LEU A 84 8.08 2.50 8.17
CA LEU A 84 7.86 1.07 7.91
C LEU A 84 8.81 0.16 8.69
N VAL A 85 10.09 0.53 8.82
CA VAL A 85 11.17 -0.40 9.24
C VAL A 85 11.65 -0.17 10.67
N ALA A 86 11.52 1.07 11.14
CA ALA A 86 11.71 1.39 12.56
C ALA A 86 10.37 1.77 13.20
N GLU A 87 9.25 1.21 12.70
CA GLU A 87 7.92 1.45 13.27
C GLU A 87 6.91 0.37 12.92
N GLU A 88 6.37 0.40 11.70
CA GLU A 88 5.25 -0.48 11.34
C GLU A 88 5.59 -1.98 11.38
N GLN A 90 8.09 -3.49 13.27
CA GLN A 90 8.29 -3.91 14.67
C GLN A 90 6.96 -3.96 15.47
N LEU A 91 6.03 -3.03 15.21
CA LEU A 91 4.68 -3.08 15.78
C LEU A 91 3.89 -4.29 15.29
N HIS A 92 3.97 -4.51 13.97
CA HIS A 92 3.33 -5.64 13.35
C HIS A 92 3.74 -6.97 13.96
N ILE A 93 5.03 -7.17 14.22
CA ILE A 93 5.52 -8.37 14.88
C ILE A 93 4.86 -8.48 16.26
N GLY A 94 4.71 -7.35 16.95
CA GLY A 94 4.04 -7.30 18.27
C GLY A 94 2.58 -7.73 18.16
N ILE A 95 1.90 -7.29 17.09
CA ILE A 95 0.50 -7.69 16.84
C ILE A 95 0.37 -9.20 16.55
N CYS A 96 1.22 -9.74 15.67
CA CYS A 96 1.28 -11.21 15.43
C CYS A 96 1.52 -11.96 16.73
N GLU A 97 2.48 -11.47 17.50
CA GLU A 97 2.89 -12.10 18.74
C GLU A 97 1.75 -12.08 19.78
N ALA A 98 1.03 -10.95 19.89
CA ALA A 98 -0.15 -10.86 20.78
C ALA A 98 -1.27 -11.79 20.31
N SER A 99 -1.36 -12.04 19.00
CA SER A 99 -2.32 -13.00 18.42
C SER A 99 -1.85 -14.48 18.39
N GLY A 100 -0.68 -14.77 18.98
CA GLY A 100 -0.22 -16.17 19.16
C GLY A 100 0.91 -16.66 18.28
N ILE A 101 1.20 -15.98 17.17
CA ILE A 101 2.22 -16.43 16.22
C ILE A 101 3.67 -16.21 16.72
N SER A 102 4.40 -17.32 16.92
CA SER A 102 5.84 -17.32 17.28
C SER A 102 6.73 -16.47 16.35
N GLN A 103 7.91 -16.09 16.84
CA GLN A 103 8.89 -15.32 16.05
C GLN A 103 9.66 -16.20 15.06
N GLU A 104 9.92 -17.46 15.45
CA GLU A 104 10.58 -18.41 14.55
C GLU A 104 9.64 -18.86 13.40
N ALA A 105 8.39 -19.17 13.75
CA ALA A 105 7.35 -19.52 12.77
C ALA A 105 7.05 -18.37 11.78
N LEU A 106 7.04 -17.14 12.29
CA LEU A 106 6.92 -15.92 11.47
C LEU A 106 8.07 -15.83 10.47
N PHE A 107 9.28 -16.11 10.93
CA PHE A 107 10.46 -16.02 10.08
C PHE A 107 10.45 -17.12 8.99
N ALA A 108 9.86 -18.26 9.30
CA ALA A 108 9.68 -19.34 8.33
C ALA A 108 8.38 -19.20 7.50
N THR A 109 7.81 -17.99 7.42
CA THR A 109 6.52 -17.84 6.73
C THR A 109 6.74 -18.12 5.25
N ARG A 110 6.03 -19.10 4.74
CA ARG A 110 6.02 -19.37 3.30
C ARG A 110 5.19 -18.31 2.57
N GLU A 111 5.83 -17.59 1.66
CA GLU A 111 5.23 -16.52 0.94
C GLU A 111 4.21 -17.06 -0.07
N ARG A 112 2.96 -16.63 0.03
CA ARG A 112 1.95 -16.99 -0.97
C ARG A 112 2.23 -16.36 -2.33
N ALA A 113 1.81 -17.04 -3.39
CA ALA A 113 2.01 -16.56 -4.76
C ALA A 113 1.46 -15.16 -4.97
N GLU A 114 0.26 -14.90 -4.44
CA GLU A 114 -0.39 -13.57 -4.58
C GLU A 114 0.43 -12.46 -3.90
N ASN A 115 1.12 -12.83 -2.83
CA ASN A 115 2.00 -11.93 -2.06
C ASN A 115 3.28 -11.63 -2.86
N LEU A 116 3.99 -12.69 -3.20
CA LEU A 116 5.21 -12.64 -4.04
C LEU A 116 4.91 -11.88 -5.30
N ALA A 117 3.77 -12.18 -5.95
CA ALA A 117 3.46 -11.51 -7.26
C ALA A 117 3.49 -10.02 -7.11
N TYR A 118 2.86 -9.55 -6.05
CA TYR A 118 2.73 -8.17 -5.84
C TYR A 118 4.07 -7.48 -5.49
N THR A 119 4.76 -7.99 -4.48
CA THR A 119 6.00 -7.33 -4.08
C THR A 119 7.07 -7.40 -5.20
N ARG A 120 7.15 -8.51 -5.91
CA ARG A 120 8.14 -8.59 -6.99
C ARG A 120 7.75 -7.68 -8.14
N PHE A 121 6.45 -7.52 -8.38
CA PHE A 121 5.99 -6.56 -9.37
C PHE A 121 6.47 -5.13 -9.05
N VAL A 122 6.30 -4.72 -7.82
CA VAL A 122 6.62 -3.35 -7.43
C VAL A 122 8.14 -3.13 -7.48
N LEU A 123 8.88 -4.08 -6.93
CA LEU A 123 10.35 -3.97 -6.91
C LEU A 123 10.91 -3.91 -8.35
N GLU A 124 10.42 -4.81 -9.21
CA GLU A 124 10.93 -4.85 -10.59
C GLU A 124 10.57 -3.58 -11.34
N ALA A 125 9.38 -3.05 -11.11
CA ALA A 125 8.99 -1.80 -11.73
C ALA A 125 9.98 -0.68 -11.38
N GLY A 126 10.37 -0.66 -10.12
CA GLY A 126 11.30 0.31 -9.60
C GLY A 126 12.70 0.12 -10.16
N TYR A 127 13.18 -1.13 -10.22
CA TYR A 127 14.53 -1.34 -10.73
C TYR A 127 14.62 -1.00 -12.19
N SER A 128 13.62 -1.44 -12.97
CA SER A 128 13.62 -1.25 -14.41
C SER A 128 13.20 0.16 -14.83
N GLY A 129 12.28 0.79 -14.12
CA GLY A 129 11.87 2.13 -14.54
C GLY A 129 12.56 3.17 -13.68
N ASP A 130 11.90 4.31 -13.49
CA ASP A 130 12.42 5.39 -12.64
C ASP A 130 11.59 5.56 -11.42
N LEU A 131 11.81 6.64 -10.65
CA LEU A 131 11.07 6.85 -9.47
C LEU A 131 9.56 6.86 -9.72
N LEU A 132 9.13 7.40 -10.86
CA LEU A 132 7.66 7.54 -11.11
C LEU A 132 7.00 6.18 -11.30
N ASP A 133 7.67 5.28 -11.99
CA ASP A 133 7.19 3.89 -12.14
C ASP A 133 7.03 3.25 -10.78
N LEU A 134 8.05 3.41 -9.93
CA LEU A 134 8.03 2.83 -8.62
C LEU A 134 6.89 3.42 -7.78
N LEU A 135 6.71 4.75 -7.82
CA LEU A 135 5.68 5.36 -6.97
C LEU A 135 4.30 4.96 -7.47
N ALA A 136 4.16 4.83 -8.79
CA ALA A 136 2.89 4.40 -9.38
C ALA A 136 2.51 3.02 -8.85
N ALA A 137 3.51 2.15 -8.71
CA ALA A 137 3.33 0.79 -8.23
C ALA A 137 3.07 0.69 -6.73
N LEU A 138 3.67 1.58 -5.96
CA LEU A 138 3.51 1.64 -4.50
C LEU A 138 2.24 2.35 -4.03
N ALA A 139 1.70 3.24 -4.87
CA ALA A 139 0.60 4.10 -4.46
C ALA A 139 -0.67 3.33 -4.08
N PRO A 140 -1.02 2.27 -4.81
CA PRO A 140 -2.25 1.58 -4.43
C PRO A 140 -2.24 1.01 -3.02
N CYS A 141 -1.10 0.42 -2.62
CA CYS A 141 -0.95 -0.01 -1.22
C CYS A 141 -1.09 1.13 -0.21
N VAL A 142 -0.27 2.18 -0.37
CA VAL A 142 -0.25 3.28 0.59
C VAL A 142 -1.64 3.95 0.67
N GLY A 144 -4.58 3.15 -0.83
CA GLY A 144 -5.73 2.27 -0.62
C GLY A 144 -5.96 1.96 0.85
N TYR A 145 -4.89 1.66 1.58
CA TYR A 145 -5.05 1.43 3.03
C TYR A 145 -5.51 2.70 3.74
N GLY A 146 -5.09 3.85 3.24
CA GLY A 146 -5.55 5.11 3.79
C GLY A 146 -7.05 5.32 3.61
N GLU A 147 -7.50 5.09 2.39
CA GLU A 147 -8.91 5.24 2.06
C GLU A 147 -9.78 4.22 2.82
N ILE A 148 -9.33 2.97 2.88
CA ILE A 148 -10.04 1.93 3.63
C ILE A 148 -10.05 2.28 5.11
N GLY A 149 -8.90 2.64 5.67
CA GLY A 149 -8.90 2.97 7.11
C GLY A 149 -9.82 4.14 7.45
N LYS A 150 -9.81 5.17 6.60
CA LYS A 150 -10.64 6.36 6.82
C LYS A 150 -12.10 5.99 6.75
N ARG A 151 -12.48 5.21 5.73
CA ARG A 151 -13.88 4.77 5.62
C ARG A 151 -14.34 3.93 6.83
N LEU A 152 -13.51 2.97 7.21
CA LEU A 152 -13.88 2.02 8.28
C LEU A 152 -13.91 2.71 9.63
N THR A 153 -13.15 3.80 9.79
CA THR A 153 -13.24 4.63 10.99
C THR A 153 -14.64 5.23 11.12
N ALA A 154 -15.21 5.64 10.00
CA ALA A 154 -16.59 6.15 9.94
C ALA A 154 -17.65 5.04 10.00
N GLU A 155 -17.38 3.89 9.36
CA GLU A 155 -18.42 2.88 9.07
C GLU A 155 -18.34 1.54 9.82
N ALA A 156 -17.28 1.27 10.57
CA ALA A 156 -17.18 -0.06 11.25
C ALA A 156 -18.36 -0.25 12.21
N THR A 157 -18.92 -1.47 12.21
CA THR A 157 -19.97 -1.83 13.16
C THR A 157 -19.46 -2.78 14.26
N SER A 158 -18.16 -3.06 14.25
CA SER A 158 -17.52 -3.82 15.32
C SER A 158 -16.13 -3.28 15.64
N THR A 159 -15.70 -3.43 16.90
CA THR A 159 -14.31 -3.11 17.27
C THR A 159 -13.38 -4.31 17.21
N LEU A 160 -13.88 -5.45 16.76
CA LEU A 160 -13.03 -6.65 16.72
C LEU A 160 -11.71 -6.35 16.04
N TYR A 161 -11.78 -5.70 14.86
CA TYR A 161 -10.59 -5.31 14.11
C TYR A 161 -10.27 -3.80 14.25
N GLY A 162 -10.62 -3.25 15.42
CA GLY A 162 -10.41 -1.83 15.72
C GLY A 162 -8.98 -1.40 15.68
N ASP A 163 -8.05 -2.27 16.08
CA ASP A 163 -6.63 -1.93 16.04
C ASP A 163 -6.19 -1.71 14.58
N TRP A 164 -6.58 -2.64 13.70
CA TRP A 164 -6.24 -2.50 12.28
C TRP A 164 -6.85 -1.22 11.75
N ILE A 165 -8.12 -0.99 12.01
CA ILE A 165 -8.85 0.19 11.49
C ILE A 165 -8.23 1.48 12.01
N ASP A 166 -7.89 1.49 13.29
CA ASP A 166 -7.34 2.69 13.90
C ASP A 166 -5.92 2.97 13.48
N THR A 167 -5.19 1.92 13.08
CA THR A 167 -3.88 2.08 12.46
C THR A 167 -4.02 2.88 11.17
N TYR A 168 -4.84 2.42 10.24
CA TYR A 168 -4.87 3.03 8.90
C TYR A 168 -5.77 4.28 8.84
N GLY A 169 -6.73 4.37 9.74
CA GLY A 169 -7.60 5.54 9.85
C GLY A 169 -7.01 6.63 10.71
N GLY A 170 -5.93 6.33 11.43
CA GLY A 170 -5.41 7.25 12.42
C GLY A 170 -4.63 8.38 11.76
N ASP A 171 -4.43 9.46 12.51
CA ASP A 171 -3.80 10.66 11.96
C ASP A 171 -2.41 10.42 11.46
N ASP A 172 -1.63 9.59 12.17
CA ASP A 172 -0.26 9.35 11.72
C ASP A 172 -0.25 8.73 10.31
N TYR A 173 -1.05 7.69 10.11
CA TYR A 173 -1.08 7.02 8.80
C TYR A 173 -1.64 7.95 7.72
N GLN A 174 -2.69 8.67 8.03
CA GLN A 174 -3.27 9.62 7.08
C GLN A 174 -2.26 10.70 6.68
N ALA A 175 -1.52 11.20 7.66
CA ALA A 175 -0.47 12.16 7.35
C ALA A 175 0.57 11.54 6.43
N ALA A 176 0.91 10.26 6.65
CA ALA A 176 1.91 9.61 5.82
C ALA A 176 1.40 9.43 4.38
N CYS A 177 0.11 9.13 4.23
CA CYS A 177 -0.50 9.06 2.92
C CYS A 177 -0.42 10.40 2.20
N LYS A 178 -0.72 11.46 2.90
CA LYS A 178 -0.67 12.79 2.31
C LYS A 178 0.74 13.15 1.87
N ALA A 179 1.73 12.75 2.68
CA ALA A 179 3.12 12.98 2.35
C ALA A 179 3.54 12.23 1.09
N VAL A 180 3.10 10.99 0.95
CA VAL A 180 3.37 10.26 -0.26
C VAL A 180 2.69 10.89 -1.50
N GLY A 181 1.49 11.42 -1.30
CA GLY A 181 0.77 12.13 -2.37
C GLY A 181 1.50 13.38 -2.85
N THR A 182 2.11 14.10 -1.91
CA THR A 182 2.89 15.29 -2.21
C THR A 182 4.16 14.91 -2.96
N LEU A 183 4.82 13.85 -2.51
CA LEU A 183 5.99 13.32 -3.21
C LEU A 183 5.64 12.94 -4.64
N LEU A 184 4.52 12.25 -4.83
CA LEU A 184 4.14 11.77 -6.16
C LEU A 184 3.87 12.98 -7.06
N ASP A 185 3.11 13.96 -6.55
CA ASP A 185 2.81 15.17 -7.33
C ASP A 185 4.06 15.94 -7.68
N ASP A 186 4.94 16.11 -6.70
CA ASP A 186 6.19 16.85 -6.92
C ASP A 186 7.15 16.12 -7.91
N ALA A 187 7.29 14.81 -7.75
CA ALA A 187 8.10 14.00 -8.67
C ALA A 187 7.58 14.06 -10.10
N LEU A 188 6.25 13.96 -10.27
CA LEU A 188 5.65 14.06 -11.60
C LEU A 188 5.90 15.44 -12.23
N GLU A 189 5.67 16.50 -11.47
CA GLU A 189 5.81 17.82 -12.02
C GLU A 189 7.28 18.11 -12.38
N ARG A 190 8.19 17.68 -11.51
CA ARG A 190 9.63 17.87 -11.77
C ARG A 190 10.05 17.24 -13.09
N ARG A 191 9.63 16.01 -13.31
CA ARG A 191 10.05 15.22 -14.48
C ARG A 191 9.25 15.46 -15.74
N LEU A 192 7.92 15.56 -15.60
CA LEU A 192 7.04 15.63 -16.76
C LEU A 192 6.38 16.99 -16.99
N GLY A 193 6.50 17.89 -16.02
CA GLY A 193 5.93 19.23 -16.16
C GLY A 193 4.57 19.31 -15.50
N ALA A 194 4.09 20.53 -15.41
CA ALA A 194 2.81 20.86 -14.79
C ALA A 194 1.67 20.11 -15.48
N GLU A 195 1.70 20.02 -16.81
CA GLU A 195 0.69 19.28 -17.55
C GLU A 195 1.11 17.82 -17.71
N PHE A 196 1.39 17.14 -16.61
CA PHE A 196 1.95 15.78 -16.71
C PHE A 196 1.03 14.74 -17.34
N THR A 197 -0.27 14.99 -17.34
CA THR A 197 -1.21 14.06 -17.99
C THR A 197 -1.11 14.09 -19.52
N SER A 198 -0.39 15.05 -20.06
CA SER A 198 -0.20 15.12 -21.51
C SER A 198 1.04 14.36 -22.00
N SER A 199 1.87 13.88 -21.08
CA SER A 199 3.00 13.03 -21.45
C SER A 199 2.55 11.62 -21.84
N PRO A 200 3.19 11.03 -22.88
CA PRO A 200 2.90 9.63 -23.15
C PRO A 200 3.17 8.71 -21.98
N ARG A 201 4.06 9.11 -21.05
CA ARG A 201 4.36 8.32 -19.86
CA ARG A 201 4.35 8.26 -19.90
C ARG A 201 3.16 8.14 -18.97
N TRP A 202 2.26 9.13 -18.98
CA TRP A 202 1.11 9.13 -18.07
C TRP A 202 0.28 7.84 -18.20
N SER A 203 0.05 7.40 -19.42
CA SER A 203 -0.73 6.18 -19.65
CA SER A 203 -0.72 6.17 -19.66
C SER A 203 -0.02 4.96 -19.07
N ARG A 204 1.30 4.90 -19.21
CA ARG A 204 2.10 3.81 -18.65
C ARG A 204 1.99 3.80 -17.15
N LEU A 205 2.13 4.97 -16.53
CA LEU A 205 2.06 5.05 -15.10
C LEU A 205 0.66 4.63 -14.58
N CYS A 206 -0.39 5.06 -15.24
CA CYS A 206 -1.74 4.64 -14.82
C CYS A 206 -1.91 3.13 -14.97
N GLN A 207 -1.29 2.56 -16.00
CA GLN A 207 -1.37 1.11 -16.17
C GLN A 207 -0.64 0.37 -15.07
N THR A 208 0.55 0.84 -14.70
CA THR A 208 1.27 0.27 -13.56
C THR A 208 0.48 0.32 -12.27
N PHE A 209 -0.13 1.47 -11.99
CA PHE A 209 -0.99 1.67 -10.83
C PHE A 209 -2.20 0.72 -10.90
N HIS A 210 -2.78 0.59 -12.08
CA HIS A 210 -3.93 -0.31 -12.26
C HIS A 210 -3.53 -1.77 -11.98
N THR A 211 -2.40 -2.18 -12.53
CA THR A 211 -1.92 -3.54 -12.30
C THR A 211 -1.71 -3.80 -10.82
N ALA A 212 -1.08 -2.87 -10.12
CA ALA A 212 -0.84 -3.01 -8.69
C ALA A 212 -2.17 -3.05 -7.93
N THR A 213 -3.17 -2.31 -8.39
CA THR A 213 -4.50 -2.36 -7.78
C THR A 213 -5.10 -3.77 -7.93
N GLU A 214 -4.98 -4.35 -9.12
CA GLU A 214 -5.45 -5.72 -9.32
C GLU A 214 -4.73 -6.69 -8.44
N LEU A 215 -3.43 -6.49 -8.27
CA LEU A 215 -2.65 -7.37 -7.38
C LEU A 215 -3.10 -7.22 -5.93
N GLU A 216 -3.50 -6.02 -5.49
CA GLU A 216 -4.14 -5.85 -4.20
C GLU A 216 -5.42 -6.67 -4.05
N VAL A 217 -6.29 -6.64 -5.07
CA VAL A 217 -7.49 -7.48 -5.06
C VAL A 217 -7.07 -8.96 -4.83
N GLY A 218 -6.04 -9.42 -5.55
CA GLY A 218 -5.49 -10.79 -5.35
C GLY A 218 -4.97 -11.06 -3.93
N PHE A 219 -4.33 -10.07 -3.32
CA PHE A 219 -3.87 -10.17 -1.94
C PHE A 219 -5.06 -10.35 -0.96
N TRP A 220 -6.15 -9.60 -1.15
CA TRP A 220 -7.30 -9.76 -0.27
C TRP A 220 -7.92 -11.13 -0.52
N GLN A 221 -7.99 -11.55 -1.79
CA GLN A 221 -8.52 -12.89 -2.10
C GLN A 221 -7.66 -13.99 -1.44
N GLY A 223 -5.99 -13.55 1.29
CA GLY A 223 -6.34 -13.44 2.71
C GLY A 223 -7.56 -14.24 3.11
N LEU A 224 -8.55 -14.29 2.21
CA LEU A 224 -9.75 -15.06 2.44
C LEU A 224 -9.56 -16.57 2.27
N THR A 225 -8.39 -17.02 1.82
CA THR A 225 -8.19 -18.40 1.43
C THR A 225 -6.97 -18.97 2.16
N PRO A 226 -6.99 -18.93 3.50
CA PRO A 226 -5.90 -19.53 4.25
C PRO A 226 -5.73 -21.01 3.92
#